data_1QDT
#
_entry.id   1QDT
#
_cell.length_a   58.417
_cell.length_b   67.788
_cell.length_c   99.149
_cell.angle_alpha   90.00
_cell.angle_beta   90.00
_cell.angle_gamma   90.00
#
_symmetry.space_group_name_H-M   'P 21 21 21'
#
loop_
_entity.id
_entity.type
_entity.pdbx_description
1 polymer 'LYTIC MUREIN TRANSGLYCOSYLASE B'
2 non-polymer 'CALCIUM ION'
3 non-polymer 1,2-ETHANEDIOL
4 non-polymer GLYCEROL
5 water water
#
_entity_poly.entity_id   1
_entity_poly.type   'polypeptide(L)'
_entity_poly.pdbx_seq_one_letter_code
;MVEPQHNVMQMGGDFANNPNAQQFIDKMVNKHGFDRQQLQEILSQAKRLDSVLRLMDNQAPTTSVKPPSGPNGAWLRYRK
KFITPDNVQNGVVFWNQYEDALNRAWQVYGVPPEIIVGIIGVETRWGRVMGKTRILDALATLSFNYPRRAEYFSGELETF
LLMARDEQDDPLNLKGSFAGAMGYGQFMPSSYKQYAVDFSGDGHINLWDPVDAIGSVANYFKAHGWVKGDQVAVMANGQA
PGLPNGFKTKYSISQLAAAGLTPQQPLGNHQQASLLRLDVGTGYQYWYGLPNFYTITRYNHSTHYAMAVWQLGQAVALAR
VQ
;
_entity_poly.pdbx_strand_id   A
#
# COMPACT_ATOMS: atom_id res chain seq x y z
N MET A 1 -30.40 -28.63 19.06
CA MET A 1 -29.70 -27.36 19.39
C MET A 1 -28.34 -27.30 18.73
N VAL A 2 -27.33 -27.90 19.37
CA VAL A 2 -25.99 -27.91 18.82
C VAL A 2 -25.91 -28.93 17.69
N GLU A 3 -25.46 -28.45 16.53
CA GLU A 3 -25.31 -29.27 15.33
C GLU A 3 -23.83 -29.32 14.96
N PRO A 4 -23.12 -30.39 15.36
CA PRO A 4 -21.69 -30.57 15.08
C PRO A 4 -21.42 -30.79 13.60
N GLN A 5 -22.37 -31.45 12.93
CA GLN A 5 -22.28 -31.75 11.51
C GLN A 5 -20.94 -32.38 11.09
N HIS A 6 -20.44 -33.30 11.91
CA HIS A 6 -19.18 -33.99 11.61
C HIS A 6 -19.23 -34.69 10.24
N ASN A 7 -20.42 -35.12 9.84
CA ASN A 7 -20.65 -35.82 8.56
C ASN A 7 -20.77 -34.90 7.33
N VAL A 8 -20.71 -33.58 7.55
CA VAL A 8 -20.77 -32.59 6.47
C VAL A 8 -19.32 -32.22 6.18
N MET A 9 -18.63 -33.07 5.42
CA MET A 9 -17.21 -32.86 5.09
C MET A 9 -16.95 -32.29 3.70
N GLN A 10 -17.99 -32.10 2.90
CA GLN A 10 -17.80 -31.55 1.55
C GLN A 10 -18.64 -30.30 1.29
N MET A 11 -17.95 -29.21 0.95
CA MET A 11 -18.57 -27.93 0.68
C MET A 11 -18.97 -27.70 -0.77
N GLY A 12 -19.90 -26.78 -0.98
CA GLY A 12 -20.33 -26.44 -2.32
C GLY A 12 -19.67 -25.16 -2.79
N GLY A 13 -20.08 -24.66 -3.95
CA GLY A 13 -19.54 -23.42 -4.47
C GLY A 13 -18.39 -23.53 -5.45
N ASP A 14 -17.81 -22.38 -5.80
CA ASP A 14 -16.72 -22.29 -6.76
C ASP A 14 -15.47 -23.07 -6.36
N PHE A 15 -15.25 -23.26 -5.06
CA PHE A 15 -14.08 -23.99 -4.59
C PHE A 15 -14.41 -25.37 -4.04
N ALA A 16 -15.56 -25.89 -4.44
CA ALA A 16 -16.05 -27.20 -3.99
C ALA A 16 -15.11 -28.38 -4.15
N ASN A 17 -14.44 -28.47 -5.29
CA ASN A 17 -13.55 -29.62 -5.51
C ASN A 17 -12.11 -29.19 -5.68
N ASN A 18 -11.73 -28.19 -4.88
CA ASN A 18 -10.39 -27.62 -4.92
C ASN A 18 -9.51 -28.13 -3.77
N PRO A 19 -8.48 -28.92 -4.09
CA PRO A 19 -7.53 -29.50 -3.13
C PRO A 19 -6.86 -28.46 -2.26
N ASN A 20 -6.57 -27.30 -2.85
CA ASN A 20 -5.95 -26.19 -2.14
C ASN A 20 -6.85 -25.64 -1.05
N ALA A 21 -8.15 -25.51 -1.36
CA ALA A 21 -9.12 -25.05 -0.37
C ALA A 21 -9.16 -26.05 0.80
N GLN A 22 -9.13 -27.35 0.47
CA GLN A 22 -9.15 -28.41 1.48
C GLN A 22 -7.95 -28.37 2.43
N GLN A 23 -6.77 -28.15 1.88
CA GLN A 23 -5.54 -28.07 2.69
C GLN A 23 -5.56 -26.81 3.54
N PHE A 24 -6.11 -25.74 2.99
CA PHE A 24 -6.21 -24.47 3.71
C PHE A 24 -7.11 -24.63 4.93
N ILE A 25 -8.23 -25.32 4.76
CA ILE A 25 -9.15 -25.55 5.88
C ILE A 25 -8.44 -26.35 6.96
N ASP A 26 -7.71 -27.38 6.56
CA ASP A 26 -6.98 -28.21 7.52
C ASP A 26 -5.97 -27.39 8.31
N LYS A 27 -5.28 -26.47 7.64
CA LYS A 27 -4.30 -25.61 8.27
C LYS A 27 -4.99 -24.72 9.32
N MET A 28 -6.11 -24.13 8.95
CA MET A 28 -6.85 -23.25 9.87
C MET A 28 -7.39 -23.97 11.11
N VAL A 29 -7.85 -25.20 10.93
CA VAL A 29 -8.39 -26.00 12.04
C VAL A 29 -7.25 -26.44 12.97
N ASN A 30 -6.22 -27.02 12.37
CA ASN A 30 -5.05 -27.52 13.08
C ASN A 30 -4.23 -26.43 13.78
N LYS A 31 -3.91 -25.39 13.03
CA LYS A 31 -3.10 -24.30 13.55
C LYS A 31 -3.86 -23.26 14.39
N HIS A 32 -5.08 -22.91 14.01
CA HIS A 32 -5.80 -21.86 14.74
C HIS A 32 -7.10 -22.18 15.48
N GLY A 33 -7.48 -23.46 15.52
CA GLY A 33 -8.68 -23.83 16.23
C GLY A 33 -9.98 -23.51 15.51
N PHE A 34 -9.92 -23.27 14.21
CA PHE A 34 -11.14 -23.01 13.46
C PHE A 34 -11.99 -24.29 13.42
N ASP A 35 -13.29 -24.12 13.26
CA ASP A 35 -14.23 -25.22 13.16
C ASP A 35 -14.31 -25.53 11.65
N ARG A 36 -13.99 -26.76 11.24
CA ARG A 36 -14.05 -27.12 9.83
C ARG A 36 -15.39 -26.78 9.15
N GLN A 37 -16.50 -27.13 9.80
CA GLN A 37 -17.82 -26.87 9.24
C GLN A 37 -18.13 -25.38 9.08
N GLN A 38 -17.75 -24.59 10.07
CA GLN A 38 -17.95 -23.15 10.00
C GLN A 38 -17.15 -22.55 8.84
N LEU A 39 -15.91 -22.98 8.70
CA LEU A 39 -15.05 -22.49 7.62
C LEU A 39 -15.57 -22.94 6.22
N GLN A 40 -16.09 -24.16 6.11
CA GLN A 40 -16.65 -24.66 4.84
C GLN A 40 -17.88 -23.82 4.44
N GLU A 41 -18.67 -23.36 5.41
CA GLU A 41 -19.83 -22.53 5.11
C GLU A 41 -19.38 -21.20 4.53
N ILE A 42 -18.32 -20.65 5.09
CA ILE A 42 -17.73 -19.39 4.65
C ILE A 42 -17.15 -19.56 3.22
N LEU A 43 -16.29 -20.55 3.05
CA LEU A 43 -15.67 -20.78 1.76
C LEU A 43 -16.62 -21.24 0.67
N SER A 44 -17.76 -21.86 1.03
CA SER A 44 -18.76 -22.30 0.05
C SER A 44 -19.37 -21.08 -0.65
N GLN A 45 -19.32 -19.93 0.03
CA GLN A 45 -19.85 -18.67 -0.49
C GLN A 45 -18.78 -17.84 -1.22
N ALA A 46 -17.52 -18.25 -1.10
CA ALA A 46 -16.45 -17.53 -1.75
C ALA A 46 -16.55 -17.77 -3.27
N LYS A 47 -16.25 -16.73 -4.04
CA LYS A 47 -16.32 -16.79 -5.49
C LYS A 47 -14.95 -16.77 -6.14
N ARG A 48 -14.82 -17.53 -7.23
CA ARG A 48 -13.58 -17.57 -8.00
C ARG A 48 -13.76 -16.45 -9.04
N LEU A 49 -12.96 -15.39 -8.92
CA LEU A 49 -13.07 -14.24 -9.80
C LEU A 49 -11.96 -14.28 -10.83
N ASP A 50 -12.31 -14.65 -12.06
CA ASP A 50 -11.33 -14.72 -13.13
C ASP A 50 -10.69 -13.38 -13.42
N SER A 51 -11.41 -12.29 -13.10
CA SER A 51 -10.89 -10.93 -13.33
C SER A 51 -9.69 -10.69 -12.42
N VAL A 52 -9.76 -11.23 -11.20
CA VAL A 52 -8.68 -11.09 -10.24
C VAL A 52 -7.44 -11.81 -10.78
N LEU A 53 -7.61 -13.00 -11.36
CA LEU A 53 -6.50 -13.77 -11.92
C LEU A 53 -5.90 -13.08 -13.13
N ARG A 54 -6.76 -12.54 -14.00
CA ARG A 54 -6.30 -11.83 -15.19
C ARG A 54 -5.51 -10.60 -14.77
N LEU A 55 -5.99 -9.86 -13.78
CA LEU A 55 -5.27 -8.67 -13.34
C LEU A 55 -3.90 -9.00 -12.73
N MET A 56 -3.84 -10.05 -11.90
CA MET A 56 -2.60 -10.47 -11.26
C MET A 56 -1.58 -10.96 -12.30
N ASP A 57 -2.07 -11.42 -13.45
CA ASP A 57 -1.21 -11.85 -14.54
C ASP A 57 -0.73 -10.61 -15.30
N ASN A 58 -1.63 -9.64 -15.49
CA ASN A 58 -1.33 -8.40 -16.22
C ASN A 58 -0.26 -7.53 -15.55
N GLN A 59 0.19 -7.94 -14.37
CA GLN A 59 1.23 -7.21 -13.64
C GLN A 59 2.27 -8.18 -13.06
N GLY A 70 10.77 7.90 -26.25
CA GLY A 70 11.24 8.70 -25.08
C GLY A 70 12.41 9.62 -25.37
N PRO A 71 12.41 10.85 -24.81
CA PRO A 71 11.34 11.38 -23.95
C PRO A 71 10.00 11.64 -24.65
N ASN A 72 8.94 11.02 -24.12
CA ASN A 72 7.59 11.19 -24.64
C ASN A 72 6.64 11.79 -23.58
N GLY A 73 7.19 12.12 -22.41
CA GLY A 73 6.40 12.70 -21.33
C GLY A 73 5.75 11.74 -20.34
N ALA A 74 6.39 10.59 -20.08
CA ALA A 74 5.85 9.58 -19.17
C ALA A 74 5.47 10.10 -17.78
N TRP A 75 6.40 10.81 -17.13
CA TRP A 75 6.13 11.35 -15.79
C TRP A 75 4.91 12.27 -15.81
N LEU A 76 4.87 13.19 -16.77
CA LEU A 76 3.77 14.14 -16.91
C LEU A 76 2.40 13.47 -16.97
N ARG A 77 2.27 12.38 -17.75
CA ARG A 77 1.00 11.66 -17.87
C ARG A 77 0.60 10.98 -16.56
N TYR A 78 1.59 10.41 -15.86
CA TYR A 78 1.36 9.72 -14.60
C TYR A 78 0.93 10.71 -13.50
N ARG A 79 1.68 11.80 -13.43
CA ARG A 79 1.45 12.86 -12.47
C ARG A 79 0.05 13.48 -12.53
N LYS A 80 -0.42 13.78 -13.74
CA LYS A 80 -1.73 14.40 -13.91
C LYS A 80 -2.93 13.51 -13.57
N LYS A 81 -2.68 12.24 -13.29
CA LYS A 81 -3.73 11.32 -12.87
C LYS A 81 -4.00 11.58 -11.38
N PHE A 82 -3.01 12.16 -10.69
CA PHE A 82 -3.11 12.42 -9.25
C PHE A 82 -3.11 13.85 -8.79
N ILE A 83 -2.33 14.70 -9.45
CA ILE A 83 -2.23 16.10 -9.08
C ILE A 83 -3.12 16.96 -9.96
N THR A 84 -4.37 17.08 -9.54
CA THR A 84 -5.40 17.82 -10.23
C THR A 84 -6.06 18.76 -9.22
N PRO A 85 -6.76 19.81 -9.69
CA PRO A 85 -7.42 20.71 -8.73
C PRO A 85 -8.37 19.96 -7.79
N ASP A 86 -9.13 19.02 -8.33
CA ASP A 86 -10.08 18.29 -7.50
C ASP A 86 -9.40 17.49 -6.37
N ASN A 87 -8.31 16.80 -6.70
CA ASN A 87 -7.57 16.01 -5.73
C ASN A 87 -6.85 16.85 -4.71
N VAL A 88 -6.26 17.97 -5.14
CA VAL A 88 -5.55 18.83 -4.20
C VAL A 88 -6.52 19.46 -3.21
N GLN A 89 -7.67 19.90 -3.71
CA GLN A 89 -8.70 20.50 -2.89
C GLN A 89 -9.28 19.48 -1.90
N ASN A 90 -9.55 18.26 -2.36
CA ASN A 90 -10.07 17.24 -1.47
C ASN A 90 -9.00 16.86 -0.46
N GLY A 91 -7.73 16.95 -0.87
CA GLY A 91 -6.64 16.63 0.04
C GLY A 91 -6.58 17.62 1.19
N VAL A 92 -6.86 18.88 0.87
CA VAL A 92 -6.87 19.96 1.87
C VAL A 92 -7.98 19.71 2.89
N VAL A 93 -9.15 19.29 2.40
CA VAL A 93 -10.29 19.01 3.26
C VAL A 93 -9.97 17.87 4.22
N PHE A 94 -9.39 16.79 3.71
CA PHE A 94 -9.02 15.65 4.54
C PHE A 94 -7.98 16.05 5.59
N TRP A 95 -6.98 16.84 5.17
CA TRP A 95 -5.93 17.28 6.08
C TRP A 95 -6.51 18.13 7.23
N ASN A 96 -7.34 19.11 6.89
CA ASN A 96 -7.94 19.96 7.93
C ASN A 96 -8.87 19.17 8.84
N GLN A 97 -9.62 18.25 8.27
CA GLN A 97 -10.55 17.42 9.02
C GLN A 97 -9.85 16.49 10.00
N TYR A 98 -8.69 15.96 9.61
CA TYR A 98 -7.94 15.04 10.46
C TYR A 98 -6.61 15.60 10.92
N GLU A 99 -6.54 16.91 11.10
CA GLU A 99 -5.31 17.56 11.52
C GLU A 99 -4.71 17.06 12.83
N ASP A 100 -5.55 16.80 13.84
CA ASP A 100 -5.04 16.33 15.13
C ASP A 100 -4.36 14.97 14.97
N ALA A 101 -5.01 14.06 14.24
CA ALA A 101 -4.45 12.74 14.02
C ALA A 101 -3.14 12.87 13.25
N LEU A 102 -3.13 13.71 12.23
CA LEU A 102 -1.92 13.90 11.44
C LEU A 102 -0.79 14.51 12.28
N ASN A 103 -1.09 15.46 13.15
CA ASN A 103 -0.07 16.06 14.01
C ASN A 103 0.44 15.05 15.02
N ARG A 104 -0.48 14.26 15.56
CA ARG A 104 -0.15 13.24 16.54
C ARG A 104 0.75 12.17 15.89
N ALA A 105 0.47 11.84 14.63
CA ALA A 105 1.28 10.85 13.91
C ALA A 105 2.68 11.39 13.69
N TRP A 106 2.80 12.70 13.43
CA TRP A 106 4.09 13.35 13.20
C TRP A 106 4.94 13.27 14.47
N GLN A 107 4.31 13.53 15.62
CA GLN A 107 4.96 13.52 16.92
C GLN A 107 5.37 12.12 17.36
N VAL A 108 4.48 11.17 17.18
CA VAL A 108 4.75 9.79 17.56
C VAL A 108 5.70 9.05 16.62
N TYR A 109 5.50 9.23 15.32
CA TYR A 109 6.29 8.50 14.33
C TYR A 109 7.31 9.24 13.47
N GLY A 110 7.27 10.56 13.51
CA GLY A 110 8.22 11.33 12.70
C GLY A 110 7.89 11.41 11.23
N VAL A 111 6.68 10.97 10.86
CA VAL A 111 6.23 11.00 9.47
C VAL A 111 5.33 12.23 9.31
N PRO A 112 5.72 13.16 8.41
CA PRO A 112 4.97 14.40 8.18
C PRO A 112 3.61 14.24 7.51
N PRO A 113 2.69 15.15 7.81
CA PRO A 113 1.34 15.12 7.25
C PRO A 113 1.26 15.00 5.72
N GLU A 114 2.13 15.69 5.00
CA GLU A 114 2.08 15.63 3.53
C GLU A 114 2.35 14.23 2.98
N ILE A 115 3.13 13.43 3.71
CA ILE A 115 3.41 12.07 3.26
C ILE A 115 2.21 11.16 3.47
N ILE A 116 1.59 11.27 4.63
CA ILE A 116 0.42 10.44 4.97
C ILE A 116 -0.76 10.88 4.10
N VAL A 117 -0.92 12.19 3.95
CA VAL A 117 -1.99 12.73 3.11
C VAL A 117 -1.79 12.30 1.66
N GLY A 118 -0.52 12.30 1.21
CA GLY A 118 -0.21 11.89 -0.15
C GLY A 118 -0.45 10.42 -0.40
N ILE A 119 -0.13 9.58 0.57
CA ILE A 119 -0.32 8.12 0.47
C ILE A 119 -1.82 7.78 0.40
N ILE A 120 -2.60 8.30 1.34
CA ILE A 120 -4.03 8.05 1.36
C ILE A 120 -4.76 8.66 0.13
N GLY A 121 -4.17 9.70 -0.43
CA GLY A 121 -4.77 10.32 -1.61
C GLY A 121 -4.53 9.49 -2.84
N VAL A 122 -3.30 9.03 -3.03
CA VAL A 122 -2.96 8.20 -4.18
C VAL A 122 -3.66 6.84 -4.10
N GLU A 123 -3.76 6.29 -2.88
CA GLU A 123 -4.40 5.00 -2.67
C GLU A 123 -5.90 4.91 -2.84
N THR A 124 -6.64 5.80 -2.20
CA THR A 124 -8.10 5.74 -2.24
C THR A 124 -8.77 7.11 -2.40
N ARG A 125 -8.01 8.14 -2.76
CA ARG A 125 -8.57 9.50 -2.87
C ARG A 125 -9.29 9.85 -1.56
N TRP A 126 -8.62 9.58 -0.45
CA TRP A 126 -9.12 9.86 0.89
C TRP A 126 -10.45 9.16 1.22
N GLY A 127 -10.50 7.86 0.92
CA GLY A 127 -11.68 7.06 1.19
C GLY A 127 -12.78 6.98 0.14
N ARG A 128 -12.62 7.69 -0.98
CA ARG A 128 -13.61 7.68 -2.06
C ARG A 128 -13.56 6.42 -2.91
N VAL A 129 -12.37 5.85 -3.07
CA VAL A 129 -12.19 4.63 -3.87
C VAL A 129 -11.41 3.59 -3.05
N MET A 130 -12.11 2.86 -2.20
CA MET A 130 -11.47 1.86 -1.37
C MET A 130 -11.57 0.42 -1.85
N GLY A 131 -12.24 0.21 -2.97
CA GLY A 131 -12.37 -1.14 -3.51
C GLY A 131 -13.78 -1.68 -3.43
N LYS A 132 -14.18 -2.49 -4.41
CA LYS A 132 -15.55 -3.02 -4.44
C LYS A 132 -15.57 -4.55 -4.44
N THR A 133 -14.39 -5.16 -4.34
CA THR A 133 -14.29 -6.61 -4.36
C THR A 133 -14.30 -7.20 -2.95
N ARG A 134 -15.06 -8.27 -2.73
CA ARG A 134 -15.02 -8.88 -1.42
C ARG A 134 -13.60 -9.45 -1.20
N ILE A 135 -12.96 -9.06 -0.10
CA ILE A 135 -11.61 -9.51 0.25
C ILE A 135 -11.55 -11.05 0.23
N LEU A 136 -12.54 -11.70 0.82
CA LEU A 136 -12.59 -13.16 0.85
C LEU A 136 -12.54 -13.79 -0.56
N ASP A 137 -13.30 -13.23 -1.51
CA ASP A 137 -13.33 -13.72 -2.89
C ASP A 137 -11.97 -13.59 -3.55
N ALA A 138 -11.37 -12.40 -3.41
CA ALA A 138 -10.07 -12.15 -4.01
C ALA A 138 -8.99 -13.07 -3.45
N LEU A 139 -8.95 -13.18 -2.12
CA LEU A 139 -7.93 -13.99 -1.47
C LEU A 139 -8.10 -15.49 -1.68
N ALA A 140 -9.33 -15.96 -1.71
CA ALA A 140 -9.59 -17.39 -1.94
C ALA A 140 -9.23 -17.72 -3.40
N THR A 141 -9.55 -16.82 -4.33
CA THR A 141 -9.26 -17.01 -5.74
C THR A 141 -7.75 -17.10 -5.98
N LEU A 142 -7.01 -16.14 -5.40
CA LEU A 142 -5.57 -16.07 -5.51
C LEU A 142 -4.84 -17.18 -4.73
N SER A 143 -5.47 -17.68 -3.67
CA SER A 143 -4.90 -18.75 -2.85
C SER A 143 -5.18 -20.12 -3.44
N PHE A 144 -6.37 -20.30 -3.98
CA PHE A 144 -6.79 -21.60 -4.49
C PHE A 144 -6.72 -21.86 -5.97
N ASN A 145 -6.58 -20.82 -6.79
CA ASN A 145 -6.54 -20.98 -8.25
C ASN A 145 -5.43 -20.18 -8.93
N TYR A 146 -4.34 -19.94 -8.21
CA TYR A 146 -3.24 -19.16 -8.76
C TYR A 146 -1.93 -19.70 -8.23
N PRO A 147 -1.42 -20.80 -8.81
CA PRO A 147 -0.17 -21.43 -8.40
C PRO A 147 1.03 -20.51 -8.19
N ARG A 148 1.19 -19.52 -9.07
CA ARG A 148 2.33 -18.63 -8.99
C ARG A 148 2.54 -17.95 -7.64
N ARG A 149 1.46 -17.38 -7.08
CA ARG A 149 1.56 -16.70 -5.79
C ARG A 149 0.61 -17.30 -4.74
N ALA A 150 0.31 -18.58 -4.89
CA ALA A 150 -0.58 -19.29 -3.99
C ALA A 150 -0.14 -19.28 -2.52
N GLU A 151 1.15 -19.48 -2.28
CA GLU A 151 1.67 -19.48 -0.91
C GLU A 151 1.57 -18.12 -0.26
N TYR A 152 1.91 -17.06 -1.00
CA TYR A 152 1.81 -15.70 -0.48
C TYR A 152 0.35 -15.35 -0.15
N PHE A 153 -0.57 -15.59 -1.09
CA PHE A 153 -1.97 -15.25 -0.82
C PHE A 153 -2.69 -16.13 0.19
N SER A 154 -2.20 -17.35 0.38
CA SER A 154 -2.78 -18.24 1.38
C SER A 154 -2.44 -17.66 2.75
N GLY A 155 -1.22 -17.12 2.88
CA GLY A 155 -0.79 -16.51 4.12
C GLY A 155 -1.65 -15.30 4.42
N GLU A 156 -2.03 -14.57 3.38
CA GLU A 156 -2.88 -13.38 3.51
C GLU A 156 -4.30 -13.76 3.93
N LEU A 157 -4.85 -14.80 3.29
CA LEU A 157 -6.19 -15.28 3.62
C LEU A 157 -6.23 -15.75 5.08
N GLU A 158 -5.17 -16.46 5.48
CA GLU A 158 -5.06 -16.93 6.87
C GLU A 158 -5.15 -15.71 7.83
N THR A 159 -4.27 -14.73 7.60
CA THR A 159 -4.24 -13.53 8.40
C THR A 159 -5.57 -12.78 8.33
N PHE A 160 -6.21 -12.78 7.15
CA PHE A 160 -7.50 -12.10 6.98
C PHE A 160 -8.58 -12.72 7.85
N LEU A 161 -8.68 -14.05 7.80
CA LEU A 161 -9.67 -14.76 8.60
C LEU A 161 -9.39 -14.57 10.09
N LEU A 162 -8.11 -14.51 10.48
CA LEU A 162 -7.75 -14.30 11.88
C LEU A 162 -8.11 -12.87 12.27
N MET A 163 -7.88 -11.92 11.36
CA MET A 163 -8.20 -10.50 11.59
C MET A 163 -9.70 -10.33 11.79
N ALA A 164 -10.48 -10.95 10.91
CA ALA A 164 -11.94 -10.86 10.98
C ALA A 164 -12.41 -11.44 12.30
N ARG A 165 -11.90 -12.63 12.65
CA ARG A 165 -12.26 -13.27 13.92
C ARG A 165 -11.93 -12.35 15.13
N ASP A 166 -10.73 -11.78 15.18
CA ASP A 166 -10.31 -10.90 16.27
C ASP A 166 -11.03 -9.54 16.37
N GLU A 167 -11.14 -8.83 15.24
CA GLU A 167 -11.84 -7.53 15.22
C GLU A 167 -13.35 -7.73 15.18
N GLN A 168 -13.76 -9.01 15.13
CA GLN A 168 -15.17 -9.42 15.11
C GLN A 168 -15.98 -9.00 13.87
N ASP A 169 -15.37 -9.12 12.71
CA ASP A 169 -16.03 -8.78 11.44
C ASP A 169 -16.48 -10.06 10.73
N ASP A 170 -17.55 -9.97 9.97
CA ASP A 170 -18.04 -11.09 9.16
C ASP A 170 -17.04 -10.98 7.99
N PRO A 171 -16.28 -12.04 7.73
CA PRO A 171 -15.30 -12.02 6.63
C PRO A 171 -15.88 -11.70 5.25
N LEU A 172 -17.16 -12.00 5.05
CA LEU A 172 -17.82 -11.77 3.77
C LEU A 172 -18.32 -10.32 3.60
N ASN A 173 -18.24 -9.51 4.64
CA ASN A 173 -18.70 -8.13 4.53
C ASN A 173 -17.62 -7.14 4.06
N LEU A 174 -16.36 -7.48 4.27
CA LEU A 174 -15.28 -6.59 3.91
C LEU A 174 -14.92 -6.59 2.44
N LYS A 175 -14.80 -5.38 1.88
CA LYS A 175 -14.47 -5.19 0.48
C LYS A 175 -13.14 -4.45 0.33
N GLY A 176 -12.53 -4.56 -0.84
CA GLY A 176 -11.26 -3.93 -1.07
C GLY A 176 -10.78 -4.17 -2.49
N SER A 177 -9.46 -4.24 -2.67
CA SER A 177 -8.91 -4.40 -4.00
C SER A 177 -8.91 -5.82 -4.53
N PHE A 178 -8.56 -5.96 -5.82
CA PHE A 178 -8.48 -7.26 -6.48
C PHE A 178 -7.40 -8.11 -5.82
N ALA A 179 -6.51 -7.47 -5.06
CA ALA A 179 -5.45 -8.18 -4.34
C ALA A 179 -5.76 -8.35 -2.84
N GLY A 180 -6.94 -7.90 -2.41
CA GLY A 180 -7.31 -8.03 -1.01
C GLY A 180 -6.85 -6.90 -0.10
N ALA A 181 -6.50 -5.74 -0.68
CA ALA A 181 -6.05 -4.56 0.09
C ALA A 181 -7.25 -3.84 0.69
N MET A 182 -7.08 -3.33 1.92
CA MET A 182 -8.18 -2.72 2.65
C MET A 182 -8.08 -1.30 3.20
N GLY A 183 -9.25 -0.64 3.20
CA GLY A 183 -9.40 0.69 3.77
C GLY A 183 -8.71 1.89 3.17
N TYR A 184 -8.67 2.97 3.94
CA TYR A 184 -8.06 4.24 3.52
C TYR A 184 -6.66 4.10 2.94
N GLY A 185 -5.81 3.34 3.62
CA GLY A 185 -4.44 3.12 3.18
C GLY A 185 -4.22 1.87 2.33
N GLN A 186 -5.29 1.12 2.05
CA GLN A 186 -5.19 -0.10 1.23
C GLN A 186 -4.15 -1.07 1.80
N PHE A 187 -4.29 -1.40 3.08
CA PHE A 187 -3.40 -2.33 3.76
C PHE A 187 -3.73 -3.79 3.41
N MET A 188 -2.70 -4.58 3.13
CA MET A 188 -2.87 -6.02 2.90
C MET A 188 -3.04 -6.62 4.30
N PRO A 189 -3.65 -7.81 4.41
CA PRO A 189 -3.81 -8.42 5.74
C PRO A 189 -2.50 -8.51 6.52
N SER A 190 -1.40 -8.86 5.85
CA SER A 190 -0.11 -8.98 6.53
C SER A 190 0.37 -7.64 7.09
N SER A 191 0.02 -6.54 6.42
CA SER A 191 0.40 -5.20 6.88
C SER A 191 -0.48 -4.84 8.07
N TYR A 192 -1.75 -5.27 8.05
CA TYR A 192 -2.63 -5.00 9.18
C TYR A 192 -1.97 -5.68 10.41
N LYS A 193 -1.52 -6.91 10.21
CA LYS A 193 -0.91 -7.70 11.28
C LYS A 193 0.42 -7.12 11.79
N GLN A 194 1.29 -6.70 10.88
CA GLN A 194 2.58 -6.19 11.29
C GLN A 194 2.65 -4.69 11.59
N TYR A 195 1.76 -3.90 10.99
CA TYR A 195 1.86 -2.44 11.15
C TYR A 195 0.66 -1.59 11.58
N ALA A 196 -0.54 -2.13 11.45
CA ALA A 196 -1.70 -1.33 11.82
C ALA A 196 -1.76 -1.10 13.31
N VAL A 197 -2.15 0.12 13.69
CA VAL A 197 -2.29 0.50 15.09
C VAL A 197 -3.67 1.12 15.34
N ASP A 198 -4.13 1.00 16.57
CA ASP A 198 -5.40 1.58 16.95
C ASP A 198 -5.10 3.04 17.33
N PHE A 199 -4.86 3.87 16.33
CA PHE A 199 -4.51 5.27 16.58
C PHE A 199 -5.67 6.09 17.15
N SER A 200 -6.91 5.64 16.94
CA SER A 200 -8.07 6.35 17.45
C SER A 200 -8.29 6.07 18.95
N GLY A 201 -7.71 4.98 19.43
CA GLY A 201 -7.80 4.63 20.85
C GLY A 201 -9.09 4.01 21.36
N ASP A 202 -9.90 3.40 20.49
CA ASP A 202 -11.14 2.78 20.95
C ASP A 202 -10.98 1.29 21.28
N GLY A 203 -9.74 0.80 21.18
CA GLY A 203 -9.45 -0.59 21.46
C GLY A 203 -9.51 -1.52 20.26
N HIS A 204 -9.94 -0.99 19.11
CA HIS A 204 -10.06 -1.77 17.88
C HIS A 204 -9.27 -1.19 16.71
N ILE A 205 -8.63 -2.07 15.95
CA ILE A 205 -7.88 -1.62 14.79
C ILE A 205 -8.82 -1.75 13.59
N ASN A 206 -9.29 -0.61 13.09
CA ASN A 206 -10.19 -0.57 11.94
C ASN A 206 -9.51 0.15 10.77
N LEU A 207 -9.19 -0.62 9.72
CA LEU A 207 -8.54 -0.08 8.54
C LEU A 207 -9.41 0.93 7.80
N TRP A 208 -10.73 0.88 8.06
CA TRP A 208 -11.68 1.82 7.46
C TRP A 208 -11.96 3.06 8.32
N ASP A 209 -11.22 3.23 9.42
CA ASP A 209 -11.35 4.41 10.29
C ASP A 209 -10.15 5.28 9.86
N PRO A 210 -10.41 6.46 9.30
CA PRO A 210 -9.33 7.35 8.84
C PRO A 210 -8.25 7.66 9.90
N VAL A 211 -8.65 7.76 11.17
CA VAL A 211 -7.70 8.03 12.25
C VAL A 211 -6.73 6.85 12.43
N ASP A 212 -7.29 5.65 12.47
CA ASP A 212 -6.46 4.45 12.58
C ASP A 212 -5.54 4.32 11.37
N ALA A 213 -6.10 4.56 10.18
CA ALA A 213 -5.34 4.44 8.93
C ALA A 213 -4.18 5.42 8.91
N ILE A 214 -4.42 6.63 9.39
CA ILE A 214 -3.38 7.66 9.46
C ILE A 214 -2.21 7.15 10.31
N GLY A 215 -2.52 6.68 11.52
CA GLY A 215 -1.48 6.18 12.40
C GLY A 215 -0.79 4.93 11.88
N SER A 216 -1.57 4.07 11.23
CA SER A 216 -1.06 2.83 10.66
C SER A 216 -0.09 3.10 9.52
N VAL A 217 -0.39 4.09 8.68
CA VAL A 217 0.49 4.46 7.57
C VAL A 217 1.80 5.05 8.14
N ALA A 218 1.67 5.86 9.19
CA ALA A 218 2.83 6.48 9.82
C ALA A 218 3.74 5.40 10.44
N ASN A 219 3.13 4.43 11.12
CA ASN A 219 3.87 3.34 11.76
C ASN A 219 4.60 2.50 10.70
N TYR A 220 3.91 2.24 9.60
CA TYR A 220 4.46 1.49 8.47
C TYR A 220 5.73 2.20 7.97
N PHE A 221 5.63 3.52 7.81
CA PHE A 221 6.75 4.32 7.33
C PHE A 221 7.93 4.30 8.30
N LYS A 222 7.66 4.53 9.58
CA LYS A 222 8.74 4.51 10.57
C LYS A 222 9.38 3.12 10.62
N ALA A 223 8.55 2.07 10.55
CA ALA A 223 9.03 0.70 10.57
C ALA A 223 9.93 0.44 9.36
N HIS A 224 9.62 1.08 8.24
CA HIS A 224 10.42 0.92 7.04
C HIS A 224 11.59 1.91 6.93
N GLY A 225 11.95 2.51 8.06
CA GLY A 225 13.09 3.40 8.08
C GLY A 225 12.97 4.88 7.85
N TRP A 226 11.75 5.42 7.82
CA TRP A 226 11.59 6.87 7.60
C TRP A 226 12.39 7.68 8.62
N VAL A 227 13.26 8.56 8.11
CA VAL A 227 14.08 9.44 8.96
C VAL A 227 13.41 10.82 9.06
N LYS A 228 12.98 11.16 10.27
CA LYS A 228 12.30 12.43 10.56
C LYS A 228 13.10 13.66 10.16
N GLY A 229 12.50 14.53 9.35
CA GLY A 229 13.16 15.77 8.92
C GLY A 229 14.16 15.67 7.78
N ASP A 230 14.50 14.45 7.37
CA ASP A 230 15.46 14.22 6.29
C ASP A 230 14.83 14.50 4.92
N GLN A 231 15.64 14.92 3.96
CA GLN A 231 15.15 15.21 2.62
C GLN A 231 14.69 13.93 1.92
N VAL A 232 13.67 14.02 1.08
CA VAL A 232 13.16 12.88 0.33
C VAL A 232 14.02 12.66 -0.93
N ALA A 233 14.14 13.70 -1.75
CA ALA A 233 14.94 13.66 -2.99
C ALA A 233 15.30 15.12 -3.35
N VAL A 234 16.40 15.32 -4.06
CA VAL A 234 16.84 16.66 -4.46
C VAL A 234 17.04 16.64 -5.96
N MET A 235 16.42 17.57 -6.67
CA MET A 235 16.54 17.60 -8.13
C MET A 235 17.97 17.98 -8.52
N ALA A 236 18.47 17.34 -9.58
CA ALA A 236 19.82 17.63 -10.06
C ALA A 236 19.85 18.54 -11.27
N ASN A 237 20.94 19.28 -11.39
CA ASN A 237 21.21 20.13 -12.52
C ASN A 237 22.11 19.17 -13.31
N GLY A 238 21.93 19.13 -14.62
CA GLY A 238 22.76 18.25 -15.43
C GLY A 238 22.05 16.99 -15.90
N GLN A 239 22.75 16.23 -16.72
CA GLN A 239 22.23 15.00 -17.30
C GLN A 239 23.22 13.89 -17.07
N ALA A 240 22.71 12.67 -16.84
CA ALA A 240 23.58 11.52 -16.63
C ALA A 240 23.04 10.36 -17.45
N PRO A 241 23.08 10.49 -18.79
CA PRO A 241 22.58 9.44 -19.69
C PRO A 241 23.35 8.11 -19.65
N GLY A 242 24.63 8.17 -19.30
CA GLY A 242 25.41 6.94 -19.26
C GLY A 242 25.14 6.00 -18.08
N LEU A 243 24.43 6.48 -17.06
CA LEU A 243 24.16 5.67 -15.88
C LEU A 243 22.76 5.11 -15.78
N PRO A 244 22.64 3.82 -15.43
CA PRO A 244 21.31 3.21 -15.30
C PRO A 244 20.60 3.96 -14.16
N ASN A 245 19.31 4.19 -14.29
CA ASN A 245 18.57 4.89 -13.27
C ASN A 245 17.41 4.05 -12.73
N GLY A 246 16.78 4.54 -11.67
CA GLY A 246 15.67 3.83 -11.05
C GLY A 246 15.81 3.89 -9.54
N PHE A 247 14.71 3.75 -8.81
CA PHE A 247 14.77 3.81 -7.35
C PHE A 247 15.69 2.77 -6.71
N LYS A 248 16.00 1.69 -7.46
CA LYS A 248 16.87 0.63 -6.95
C LYS A 248 18.36 0.85 -7.21
N THR A 249 18.70 1.85 -8.02
CA THR A 249 20.10 2.15 -8.29
C THR A 249 20.78 2.78 -7.08
N LYS A 250 22.11 2.78 -7.09
CA LYS A 250 22.88 3.33 -5.99
C LYS A 250 24.27 3.77 -6.46
N TYR A 251 24.59 5.04 -6.19
CA TYR A 251 25.84 5.63 -6.60
C TYR A 251 26.28 6.59 -5.52
N SER A 252 27.58 6.81 -5.39
CA SER A 252 28.12 7.75 -4.43
C SER A 252 27.90 9.14 -5.06
N ILE A 253 27.81 10.17 -4.22
CA ILE A 253 27.62 11.53 -4.72
C ILE A 253 28.78 11.86 -5.67
N SER A 254 29.96 11.36 -5.33
CA SER A 254 31.16 11.59 -6.12
C SER A 254 30.99 11.06 -7.54
N GLN A 255 30.44 9.86 -7.69
CA GLN A 255 30.22 9.25 -9.01
C GLN A 255 29.17 10.00 -9.83
N LEU A 256 28.16 10.54 -9.15
CA LEU A 256 27.10 11.28 -9.81
C LEU A 256 27.63 12.62 -10.33
N ALA A 257 28.50 13.26 -9.56
CA ALA A 257 29.13 14.53 -9.96
C ALA A 257 29.99 14.26 -11.18
N ALA A 258 30.78 13.19 -11.13
CA ALA A 258 31.61 12.81 -12.27
C ALA A 258 30.78 12.60 -13.52
N ALA A 259 29.52 12.21 -13.34
CA ALA A 259 28.59 11.98 -14.46
C ALA A 259 27.99 13.28 -15.00
N GLY A 260 28.32 14.38 -14.35
CA GLY A 260 27.83 15.68 -14.77
C GLY A 260 26.64 16.21 -14.00
N LEU A 261 26.46 15.75 -12.77
CA LEU A 261 25.34 16.21 -11.96
C LEU A 261 25.79 17.05 -10.80
N THR A 262 24.92 17.96 -10.38
CA THR A 262 25.16 18.82 -9.23
C THR A 262 23.78 18.95 -8.56
N PRO A 263 23.74 18.89 -7.21
CA PRO A 263 22.45 19.00 -6.54
C PRO A 263 21.95 20.44 -6.44
N GLN A 264 20.66 20.64 -6.65
CA GLN A 264 20.05 21.98 -6.57
C GLN A 264 19.96 22.48 -5.13
N GLN A 265 19.98 21.54 -4.18
CA GLN A 265 19.92 21.83 -2.75
C GLN A 265 21.07 21.04 -2.12
N PRO A 266 21.64 21.53 -1.00
CA PRO A 266 22.75 20.82 -0.34
C PRO A 266 22.31 19.43 0.11
N LEU A 267 23.17 18.44 -0.09
CA LEU A 267 22.84 17.06 0.26
C LEU A 267 23.20 16.66 1.69
N GLY A 268 23.72 17.62 2.47
CA GLY A 268 24.08 17.37 3.85
C GLY A 268 25.14 16.30 3.98
N ASN A 269 24.87 15.31 4.84
CA ASN A 269 25.81 14.21 5.07
C ASN A 269 25.66 13.02 4.14
N HIS A 270 24.65 13.04 3.28
CA HIS A 270 24.43 11.95 2.32
C HIS A 270 25.61 11.78 1.37
N GLN A 271 26.14 10.56 1.32
CA GLN A 271 27.30 10.24 0.49
C GLN A 271 26.96 9.38 -0.73
N GLN A 272 25.73 8.89 -0.78
CA GLN A 272 25.25 8.08 -1.91
C GLN A 272 23.79 8.41 -2.15
N ALA A 273 23.26 7.95 -3.27
CA ALA A 273 21.89 8.22 -3.62
C ALA A 273 21.52 7.38 -4.83
N SER A 274 20.22 7.23 -5.05
CA SER A 274 19.77 6.52 -6.22
C SER A 274 19.67 7.58 -7.32
N LEU A 275 19.75 7.15 -8.57
CA LEU A 275 19.62 8.07 -9.68
C LEU A 275 18.22 7.92 -10.23
N LEU A 276 17.40 8.95 -10.03
CA LEU A 276 16.04 8.92 -10.51
C LEU A 276 16.00 9.75 -11.79
N ARG A 277 15.16 9.35 -12.74
CA ARG A 277 15.02 10.09 -13.98
C ARG A 277 13.54 10.23 -14.33
N LEU A 278 13.08 11.47 -14.47
CA LEU A 278 11.69 11.72 -14.82
C LEU A 278 11.57 12.25 -16.25
N ASP A 279 10.68 11.63 -17.01
CA ASP A 279 10.47 12.05 -18.39
C ASP A 279 9.47 13.21 -18.42
N VAL A 280 10.02 14.42 -18.52
CA VAL A 280 9.18 15.63 -18.58
C VAL A 280 8.85 16.12 -20.01
N GLY A 281 8.79 15.19 -20.96
CA GLY A 281 8.45 15.54 -22.34
C GLY A 281 9.54 16.19 -23.21
N THR A 282 9.94 17.39 -22.82
CA THR A 282 10.97 18.14 -23.52
C THR A 282 12.35 17.55 -23.25
N GLY A 283 12.45 16.75 -22.19
CA GLY A 283 13.70 16.12 -21.82
C GLY A 283 13.59 15.26 -20.57
N TYR A 284 14.72 15.02 -19.92
CA TYR A 284 14.77 14.23 -18.70
C TYR A 284 15.22 15.08 -17.55
N GLN A 285 14.57 14.89 -16.40
CA GLN A 285 14.86 15.61 -15.18
C GLN A 285 15.45 14.59 -14.19
N TYR A 286 16.73 14.76 -13.87
CA TYR A 286 17.41 13.84 -12.93
C TYR A 286 17.29 14.27 -11.48
N TRP A 287 17.22 13.30 -10.59
CA TRP A 287 17.13 13.58 -9.15
C TRP A 287 18.04 12.65 -8.39
N TYR A 288 18.48 13.14 -7.22
CA TYR A 288 19.27 12.37 -6.28
C TYR A 288 18.21 11.76 -5.34
N GLY A 289 18.02 10.45 -5.39
CA GLY A 289 17.05 9.81 -4.52
C GLY A 289 17.73 9.53 -3.19
N LEU A 290 17.13 10.03 -2.11
CA LEU A 290 17.66 9.85 -0.78
C LEU A 290 16.88 8.73 -0.10
N PRO A 291 17.38 8.22 1.05
CA PRO A 291 16.70 7.12 1.75
C PRO A 291 15.19 7.25 1.94
N ASN A 292 14.71 8.44 2.33
CA ASN A 292 13.26 8.64 2.53
C ASN A 292 12.46 8.38 1.26
N PHE A 293 13.05 8.64 0.09
CA PHE A 293 12.35 8.37 -1.16
C PHE A 293 12.16 6.85 -1.29
N TYR A 294 13.20 6.09 -0.97
CA TYR A 294 13.15 4.63 -1.03
C TYR A 294 12.09 4.08 -0.05
N THR A 295 11.97 4.72 1.11
CA THR A 295 10.98 4.34 2.11
C THR A 295 9.59 4.47 1.48
N ILE A 296 9.36 5.54 0.72
CA ILE A 296 8.04 5.70 0.07
C ILE A 296 7.81 4.53 -0.91
N THR A 297 8.85 4.13 -1.66
CA THR A 297 8.68 3.02 -2.61
C THR A 297 8.40 1.69 -1.90
N ARG A 298 8.56 1.63 -0.57
CA ARG A 298 8.28 0.39 0.17
C ARG A 298 6.78 0.11 0.18
N TYR A 299 5.99 1.16 -0.03
CA TYR A 299 4.52 1.06 -0.12
C TYR A 299 4.09 0.54 -1.50
N ASN A 300 4.85 0.91 -2.53
CA ASN A 300 4.56 0.51 -3.91
C ASN A 300 5.87 0.70 -4.67
N HIS A 301 6.49 -0.40 -5.10
CA HIS A 301 7.79 -0.38 -5.78
C HIS A 301 7.76 0.33 -7.11
N SER A 302 7.79 1.66 -7.08
CA SER A 302 7.69 2.45 -8.30
C SER A 302 8.19 3.87 -8.07
N THR A 303 9.03 4.37 -8.97
CA THR A 303 9.54 5.73 -8.87
C THR A 303 8.41 6.74 -9.05
N HIS A 304 7.56 6.49 -10.04
CA HIS A 304 6.45 7.36 -10.33
C HIS A 304 5.49 7.42 -9.15
N TYR A 305 5.23 6.27 -8.56
CA TYR A 305 4.34 6.19 -7.43
C TYR A 305 4.83 7.08 -6.31
N ALA A 306 6.08 6.86 -5.90
CA ALA A 306 6.66 7.62 -4.80
C ALA A 306 6.76 9.12 -5.09
N MET A 307 7.07 9.47 -6.34
CA MET A 307 7.18 10.88 -6.72
C MET A 307 5.80 11.56 -6.72
N ALA A 308 4.76 10.81 -7.09
CA ALA A 308 3.39 11.32 -7.11
C ALA A 308 2.85 11.46 -5.70
N VAL A 309 3.20 10.52 -4.83
CA VAL A 309 2.77 10.57 -3.43
C VAL A 309 3.36 11.83 -2.80
N TRP A 310 4.67 12.01 -2.99
CA TRP A 310 5.41 13.14 -2.44
C TRP A 310 4.91 14.48 -2.97
N GLN A 311 4.82 14.62 -4.28
CA GLN A 311 4.36 15.88 -4.85
C GLN A 311 2.88 16.19 -4.62
N LEU A 312 2.04 15.16 -4.49
CA LEU A 312 0.62 15.41 -4.20
C LEU A 312 0.57 15.95 -2.79
N GLY A 313 1.35 15.35 -1.88
CA GLY A 313 1.39 15.84 -0.51
C GLY A 313 1.89 17.28 -0.47
N GLN A 314 2.88 17.60 -1.30
CA GLN A 314 3.42 18.96 -1.35
C GLN A 314 2.40 19.95 -1.88
N ALA A 315 1.66 19.53 -2.92
CA ALA A 315 0.63 20.36 -3.53
C ALA A 315 -0.48 20.70 -2.52
N VAL A 316 -0.90 19.70 -1.74
CA VAL A 316 -1.92 19.92 -0.70
C VAL A 316 -1.39 20.86 0.40
N ALA A 317 -0.14 20.63 0.83
CA ALA A 317 0.48 21.48 1.87
C ALA A 317 0.45 22.96 1.46
N LEU A 318 0.70 23.22 0.19
CA LEU A 318 0.72 24.56 -0.36
C LEU A 318 -0.70 25.13 -0.45
N ALA A 319 -1.64 24.33 -0.95
CA ALA A 319 -3.04 24.75 -1.08
C ALA A 319 -3.67 25.07 0.28
N ARG A 320 -3.14 24.46 1.34
CA ARG A 320 -3.62 24.70 2.71
C ARG A 320 -3.17 26.07 3.25
N VAL A 321 -1.98 26.49 2.85
CA VAL A 321 -1.38 27.76 3.28
C VAL A 321 -2.16 28.95 2.73
N GLN A 322 -2.81 28.76 1.58
CA GLN A 322 -3.58 29.81 0.92
C GLN A 322 -4.80 30.26 1.73
#